data_8OWW
#
_entry.id   8OWW
#
_cell.length_a   45.038
_cell.length_b   70.029
_cell.length_c   109.005
_cell.angle_alpha   90.000
_cell.angle_beta   90.000
_cell.angle_gamma   90.000
#
_symmetry.space_group_name_H-M   'P 2 21 21'
#
loop_
_entity.id
_entity.type
_entity.pdbx_description
1 polymer "Spike protein S2'"
2 polymer 'B5-5 nanobody'
3 non-polymer 2-acetamido-2-deoxy-beta-D-glucopyranose
4 non-polymer 1,2-ETHANEDIOL
5 non-polymer GLYCEROL
6 non-polymer 'NITRATE ION'
7 water water
#
loop_
_entity_poly.entity_id
_entity_poly.type
_entity_poly.pdbx_seq_one_letter_code
_entity_poly.pdbx_strand_id
1 'polypeptide(L)'
;PNITNLCPFGEVFNATRFASVYAWNRKRISNCVADYSVLYNSASFSTFKCYGVSPTKLNDLCFTNVYADSFVIRGDEVRQ
IAPGQTGKIADYNYKLPDDFTGCVIAWNSNNLDSKVGGNYNYLYRLFRKSNLKPFERDISTEIYQAGSTPCNGVEGFNCY
FPLQSYGFQPTNGVGYQPYRVVVLSFELLHAPATVCGPKKST
;
A
2 'polypeptide(L)'
;AQVQLVESGGGLVQPGGSLRLSCAVFGSTLDNYSVGWFRQLPGKEREGLACFSRRYGAPYYADSAKDRFTISRDNAKNTV
DLQLNGLKPEDTAVYYCATRSGPYCTTSVSDFDDWGRGTQVTVSS
;
B
#
# COMPACT_ATOMS: atom_id res chain seq x y z
N ASN A 2 -18.04 -7.17 -22.95
CA ASN A 2 -18.44 -6.94 -21.54
C ASN A 2 -17.26 -7.28 -20.63
N ILE A 3 -17.53 -7.14 -19.33
CA ILE A 3 -16.81 -7.81 -18.25
C ILE A 3 -17.53 -9.14 -17.98
N THR A 4 -16.79 -10.22 -17.77
CA THR A 4 -17.38 -11.56 -17.67
C THR A 4 -16.70 -12.41 -16.59
N ASN A 5 -15.45 -12.14 -16.20
CA ASN A 5 -14.80 -12.85 -15.13
C ASN A 5 -15.49 -12.50 -13.81
N LEU A 6 -15.50 -13.52 -12.93
CA LEU A 6 -16.01 -13.40 -11.58
C LEU A 6 -14.95 -12.71 -10.76
N CYS A 7 -15.27 -11.61 -10.05
CA CYS A 7 -14.22 -10.95 -9.29
C CYS A 7 -13.54 -11.97 -8.40
N PRO A 8 -12.18 -11.94 -8.30
CA PRO A 8 -11.39 -12.94 -7.56
C PRO A 8 -11.25 -12.62 -6.08
N PHE A 9 -12.38 -12.44 -5.39
CA PHE A 9 -12.29 -12.13 -3.96
C PHE A 9 -11.61 -13.28 -3.20
N GLY A 10 -11.89 -14.54 -3.59
CA GLY A 10 -11.29 -15.73 -2.96
C GLY A 10 -9.76 -15.64 -2.81
N GLU A 11 -9.14 -15.05 -3.81
CA GLU A 11 -7.73 -14.76 -3.83
C GLU A 11 -7.32 -13.95 -2.61
N VAL A 12 -8.16 -13.00 -2.18
CA VAL A 12 -7.78 -12.13 -1.09
C VAL A 12 -8.40 -12.63 0.21
N PHE A 13 -9.66 -13.14 0.20
CA PHE A 13 -10.32 -13.53 1.43
C PHE A 13 -9.70 -14.84 1.91
N ASN A 14 -9.25 -15.72 1.01
CA ASN A 14 -8.83 -17.06 1.41
C ASN A 14 -7.36 -17.29 1.12
N ALA A 15 -6.61 -16.22 0.94
CA ALA A 15 -5.17 -16.30 1.02
C ALA A 15 -4.82 -17.08 2.29
N THR A 16 -3.87 -18.02 2.24
CA THR A 16 -3.64 -18.79 3.46
C THR A 16 -2.71 -18.02 4.40
N ARG A 17 -1.76 -17.22 3.84
CA ARG A 17 -1.00 -16.16 4.55
C ARG A 17 -1.51 -14.72 4.30
N PHE A 18 -1.44 -13.88 5.31
CA PHE A 18 -1.87 -12.51 5.24
C PHE A 18 -0.69 -11.67 5.67
N ALA A 19 -0.71 -10.40 5.26
CA ALA A 19 0.38 -9.49 5.53
C ALA A 19 0.33 -9.07 7.00
N SER A 20 1.50 -8.75 7.54
CA SER A 20 1.57 -7.88 8.71
C SER A 20 0.97 -6.52 8.36
N VAL A 21 0.27 -5.90 9.31
CA VAL A 21 -0.41 -4.63 9.10
C VAL A 21 0.55 -3.55 8.62
N TYR A 22 1.78 -3.46 9.14
CA TYR A 22 2.68 -2.40 8.68
C TYR A 22 3.02 -2.59 7.18
N ALA A 23 2.99 -3.87 6.73
CA ALA A 23 3.35 -4.24 5.37
C ALA A 23 2.10 -4.65 4.62
N TRP A 24 1.01 -3.92 4.80
CA TRP A 24 -0.28 -4.30 4.29
C TRP A 24 -0.25 -4.53 2.78
N ASN A 25 -1.03 -5.49 2.32
CA ASN A 25 -1.11 -5.79 0.91
C ASN A 25 -2.30 -5.07 0.33
N ARG A 26 -2.19 -4.88 -1.01
CA ARG A 26 -3.22 -4.27 -1.82
C ARG A 26 -3.30 -5.01 -3.17
N LYS A 27 -4.50 -5.29 -3.59
CA LYS A 27 -4.75 -5.89 -4.89
C LYS A 27 -5.79 -5.03 -5.60
N ARG A 28 -5.51 -4.63 -6.81
CA ARG A 28 -6.53 -3.95 -7.57
C ARG A 28 -7.42 -5.02 -8.20
N ILE A 29 -8.71 -4.83 -8.14
CA ILE A 29 -9.71 -5.70 -8.79
C ILE A 29 -10.41 -4.92 -9.87
N SER A 30 -10.54 -5.52 -11.04
CA SER A 30 -11.11 -4.78 -12.15
C SER A 30 -11.61 -5.73 -13.19
N ASN A 31 -12.47 -5.22 -14.06
CA ASN A 31 -12.82 -5.99 -15.20
C ASN A 31 -13.50 -7.29 -14.78
N CYS A 32 -14.46 -7.23 -13.85
CA CYS A 32 -15.11 -8.42 -13.34
C CYS A 32 -16.48 -8.11 -12.72
N VAL A 33 -17.24 -9.19 -12.52
CA VAL A 33 -18.54 -9.18 -11.89
C VAL A 33 -18.43 -9.66 -10.45
N ALA A 34 -18.92 -8.85 -9.51
CA ALA A 34 -18.80 -9.07 -8.08
C ALA A 34 -20.19 -9.33 -7.49
N ASP A 35 -20.34 -10.33 -6.60
CA ASP A 35 -21.60 -10.52 -5.91
C ASP A 35 -21.35 -10.33 -4.43
N TYR A 36 -21.66 -9.14 -3.91
CA TYR A 36 -21.31 -8.77 -2.56
C TYR A 36 -22.23 -9.41 -1.52
N SER A 37 -23.45 -9.81 -1.88
CA SER A 37 -24.28 -10.56 -0.92
C SER A 37 -23.76 -11.97 -0.69
N VAL A 38 -23.31 -12.62 -1.76
CA VAL A 38 -22.80 -13.97 -1.69
C VAL A 38 -21.52 -13.91 -0.87
N LEU A 39 -20.74 -12.86 -1.11
CA LEU A 39 -19.51 -12.67 -0.38
C LEU A 39 -19.81 -12.58 1.11
N TYR A 40 -20.84 -11.80 1.48
CA TYR A 40 -21.15 -11.57 2.88
C TYR A 40 -21.63 -12.89 3.53
N ASN A 41 -22.33 -13.72 2.77
CA ASN A 41 -22.83 -14.98 3.32
C ASN A 41 -21.93 -16.16 2.96
N SER A 42 -20.70 -15.87 2.50
CA SER A 42 -19.65 -16.86 2.22
C SER A 42 -18.90 -17.22 3.51
N ALA A 43 -18.99 -16.39 4.55
CA ALA A 43 -18.38 -16.72 5.82
C ALA A 43 -19.08 -15.96 6.94
N SER A 44 -18.39 -15.87 8.08
CA SER A 44 -18.96 -15.19 9.21
C SER A 44 -17.99 -14.09 9.62
N PHE A 45 -18.36 -12.89 9.29
CA PHE A 45 -17.49 -11.78 9.51
C PHE A 45 -17.93 -11.19 10.83
N SER A 46 -17.01 -10.84 11.69
CA SER A 46 -17.41 -10.17 12.93
C SER A 46 -17.66 -8.69 12.63
N THR A 47 -17.01 -8.16 11.60
CA THR A 47 -17.19 -6.77 11.18
C THR A 47 -17.46 -6.71 9.68
N PHE A 48 -18.48 -5.94 9.31
CA PHE A 48 -18.72 -5.65 7.90
C PHE A 48 -19.33 -4.26 7.81
N LYS A 49 -18.50 -3.25 7.62
CA LYS A 49 -18.97 -1.91 7.89
C LYS A 49 -18.61 -1.05 6.69
N CYS A 50 -19.61 -0.29 6.21
CA CYS A 50 -19.50 0.47 5.00
C CYS A 50 -19.54 1.96 5.25
N TYR A 51 -18.86 2.71 4.37
CA TYR A 51 -18.77 4.16 4.43
C TYR A 51 -18.99 4.73 3.04
N GLY A 52 -19.97 5.61 2.92
CA GLY A 52 -20.23 6.32 1.71
C GLY A 52 -21.14 5.52 0.81
N VAL A 53 -21.51 4.30 1.23
CA VAL A 53 -22.39 3.45 0.44
C VAL A 53 -23.14 2.61 1.46
N SER A 54 -24.31 2.14 1.05
CA SER A 54 -25.04 1.20 1.86
C SER A 54 -24.72 -0.21 1.38
N PRO A 55 -24.37 -1.10 2.33
CA PRO A 55 -24.15 -2.51 2.04
C PRO A 55 -25.28 -3.14 1.20
N THR A 56 -26.53 -2.70 1.41
CA THR A 56 -27.66 -3.30 0.72
C THR A 56 -27.67 -2.92 -0.78
N LYS A 57 -26.86 -1.96 -1.22
CA LYS A 57 -26.96 -1.50 -2.60
C LYS A 57 -25.84 -2.01 -3.50
N LEU A 58 -24.83 -2.66 -2.95
CA LEU A 58 -23.57 -2.86 -3.66
C LEU A 58 -23.79 -3.58 -5.00
N ASN A 59 -24.74 -4.52 -5.00
CA ASN A 59 -25.00 -5.33 -6.18
C ASN A 59 -25.66 -4.52 -7.28
N ASP A 60 -26.13 -3.29 -6.98
CA ASP A 60 -26.76 -2.42 -7.99
C ASP A 60 -25.77 -1.43 -8.62
N LEU A 61 -24.54 -1.41 -8.16
CA LEU A 61 -23.61 -0.36 -8.54
C LEU A 61 -22.48 -0.90 -9.40
N CYS A 62 -21.82 0.03 -10.11
CA CYS A 62 -20.68 -0.28 -10.94
C CYS A 62 -19.59 0.67 -10.52
N PHE A 63 -18.36 0.19 -10.50
CA PHE A 63 -17.21 0.94 -10.04
C PHE A 63 -16.19 0.90 -11.15
N THR A 64 -15.29 1.90 -11.09
CA THR A 64 -14.20 1.99 -12.03
C THR A 64 -13.17 0.92 -11.68
N ASN A 65 -12.86 0.82 -10.39
CA ASN A 65 -11.96 -0.18 -9.85
C ASN A 65 -12.40 -0.47 -8.40
N VAL A 66 -12.00 -1.65 -7.91
CA VAL A 66 -12.06 -1.98 -6.51
C VAL A 66 -10.65 -2.27 -6.05
N TYR A 67 -10.28 -1.80 -4.88
CA TYR A 67 -8.99 -2.18 -4.30
C TYR A 67 -9.26 -2.94 -2.98
N ALA A 68 -8.51 -4.01 -2.71
CA ALA A 68 -8.62 -4.80 -1.51
C ALA A 68 -7.29 -4.75 -0.77
N ASP A 69 -7.30 -4.16 0.44
CA ASP A 69 -6.13 -4.06 1.29
C ASP A 69 -6.39 -5.10 2.36
N SER A 70 -5.39 -5.95 2.63
CA SER A 70 -5.59 -6.91 3.66
C SER A 70 -4.38 -7.03 4.61
N PHE A 71 -4.67 -7.48 5.85
CA PHE A 71 -3.65 -7.60 6.88
C PHE A 71 -4.28 -8.21 8.11
N VAL A 72 -3.46 -8.46 9.13
CA VAL A 72 -3.92 -8.98 10.42
C VAL A 72 -3.56 -7.95 11.52
N ILE A 73 -4.50 -7.75 12.45
CA ILE A 73 -4.32 -6.91 13.63
C ILE A 73 -4.97 -7.70 14.76
N ARG A 74 -4.89 -7.16 16.00
CA ARG A 74 -5.60 -7.69 17.17
C ARG A 74 -7.07 -7.23 17.16
N GLY A 75 -7.98 -7.97 17.79
CA GLY A 75 -9.39 -7.64 17.87
C GLY A 75 -9.69 -6.20 18.28
N ASP A 76 -9.10 -5.76 19.39
CA ASP A 76 -9.31 -4.42 19.92
C ASP A 76 -8.92 -3.30 18.96
N GLU A 77 -8.15 -3.61 17.94
CA GLU A 77 -7.71 -2.57 17.01
C GLU A 77 -8.58 -2.48 15.76
N VAL A 78 -9.52 -3.40 15.55
CA VAL A 78 -10.38 -3.32 14.39
C VAL A 78 -11.13 -1.98 14.35
N ARG A 79 -11.49 -1.47 15.52
CA ARG A 79 -12.16 -0.18 15.58
C ARG A 79 -11.30 0.94 14.97
N GLN A 80 -9.99 0.71 14.82
CA GLN A 80 -9.09 1.73 14.31
C GLN A 80 -9.10 1.76 12.81
N ILE A 81 -9.69 0.74 12.18
CA ILE A 81 -9.76 0.72 10.72
C ILE A 81 -11.07 1.37 10.32
N ALA A 82 -11.08 2.70 10.39
CA ALA A 82 -12.18 3.50 10.01
C ALA A 82 -11.65 4.93 9.82
N PRO A 83 -12.37 5.76 9.02
CA PRO A 83 -11.97 7.14 8.80
C PRO A 83 -11.92 7.84 10.16
N GLY A 84 -10.95 8.71 10.37
CA GLY A 84 -11.04 9.64 11.48
C GLY A 84 -10.56 9.04 12.81
N GLN A 85 -10.05 7.80 12.80
CA GLN A 85 -9.58 7.19 14.03
C GLN A 85 -8.12 7.51 14.29
N THR A 86 -7.75 7.30 15.54
CA THR A 86 -6.42 7.48 16.03
C THR A 86 -6.02 6.25 16.87
N GLY A 87 -4.73 6.05 17.14
CA GLY A 87 -4.21 4.88 17.85
C GLY A 87 -3.02 4.36 17.03
N LYS A 88 -2.30 3.35 17.54
CA LYS A 88 -1.05 2.92 16.92
C LYS A 88 -1.28 2.40 15.53
N ILE A 89 -2.40 1.73 15.26
CA ILE A 89 -2.58 1.19 13.92
C ILE A 89 -2.91 2.31 12.93
N ALA A 90 -3.93 3.13 13.25
CA ALA A 90 -4.37 4.20 12.36
C ALA A 90 -3.28 5.25 12.19
N ASP A 91 -2.48 5.46 13.20
CA ASP A 91 -1.44 6.48 13.17
C ASP A 91 -0.19 5.94 12.51
N TYR A 92 0.25 4.74 12.83
CA TYR A 92 1.55 4.32 12.35
C TYR A 92 1.56 3.17 11.37
N ASN A 93 0.43 2.53 11.11
CA ASN A 93 0.49 1.29 10.29
C ASN A 93 -0.44 1.29 9.09
N TYR A 94 -1.72 1.62 9.29
CA TYR A 94 -2.66 1.67 8.19
C TYR A 94 -3.74 2.68 8.47
N LYS A 95 -3.78 3.71 7.62
CA LYS A 95 -4.64 4.87 7.79
C LYS A 95 -5.64 5.01 6.64
N LEU A 96 -6.92 5.06 6.98
CA LEU A 96 -7.95 5.35 6.02
C LEU A 96 -8.12 6.89 5.89
N PRO A 97 -8.44 7.41 4.69
CA PRO A 97 -8.75 8.81 4.53
C PRO A 97 -10.13 9.13 5.06
N ASP A 98 -10.30 10.39 5.44
CA ASP A 98 -11.59 10.93 5.83
C ASP A 98 -12.65 10.72 4.75
N ASP A 99 -12.36 10.85 3.46
CA ASP A 99 -13.35 10.68 2.41
C ASP A 99 -13.49 9.21 1.95
N PHE A 100 -12.98 8.25 2.74
CA PHE A 100 -13.03 6.85 2.35
C PHE A 100 -14.42 6.41 1.89
N THR A 101 -14.48 5.66 0.79
CA THR A 101 -15.72 5.04 0.36
C THR A 101 -15.45 3.57 0.13
N GLY A 102 -16.10 2.70 0.91
CA GLY A 102 -15.79 1.29 0.84
C GLY A 102 -16.33 0.55 2.05
N CYS A 103 -15.85 -0.68 2.22
CA CYS A 103 -16.32 -1.54 3.30
C CYS A 103 -15.11 -2.02 4.08
N VAL A 104 -15.25 -2.15 5.41
CA VAL A 104 -14.19 -2.76 6.22
C VAL A 104 -14.73 -4.10 6.74
N ILE A 105 -13.99 -5.15 6.48
CA ILE A 105 -14.47 -6.47 6.79
C ILE A 105 -13.41 -7.19 7.63
N ALA A 106 -13.86 -7.84 8.70
CA ALA A 106 -12.90 -8.52 9.57
C ALA A 106 -13.52 -9.77 10.17
N TRP A 107 -12.62 -10.65 10.56
CA TRP A 107 -13.06 -11.82 11.25
C TRP A 107 -11.93 -12.39 12.11
N ASN A 108 -12.31 -13.05 13.19
CA ASN A 108 -11.41 -13.68 14.16
C ASN A 108 -10.68 -14.97 13.63
N SER A 109 -9.36 -14.89 13.62
CA SER A 109 -8.49 -15.84 12.88
C SER A 109 -7.63 -16.54 13.88
N ASN A 110 -8.24 -16.78 15.13
CA ASN A 110 -7.41 -17.33 16.16
C ASN A 110 -7.00 -18.76 15.77
N ASN A 111 -7.96 -19.49 15.14
CA ASN A 111 -7.64 -20.87 14.83
C ASN A 111 -6.49 -20.90 13.83
N LEU A 112 -6.32 -19.85 12.99
CA LEU A 112 -5.28 -19.92 11.97
C LEU A 112 -4.00 -19.22 12.36
N ASP A 113 -4.09 -18.13 13.13
CA ASP A 113 -2.93 -17.25 13.11
C ASP A 113 -2.19 -17.23 14.46
N SER A 114 -2.75 -17.89 15.47
CA SER A 114 -2.09 -17.91 16.76
C SER A 114 -1.39 -19.28 16.92
N LYS A 115 -0.22 -19.34 17.60
CA LYS A 115 0.49 -20.62 17.82
C LYS A 115 0.81 -20.82 19.30
N VAL A 116 0.56 -22.05 19.80
CA VAL A 116 0.84 -22.41 21.19
C VAL A 116 2.31 -22.02 21.57
N GLY A 117 2.40 -21.09 22.54
CA GLY A 117 3.66 -20.41 22.88
C GLY A 117 4.00 -19.29 21.91
N GLY A 118 3.02 -18.85 21.10
CA GLY A 118 3.06 -17.51 20.53
C GLY A 118 3.51 -17.48 19.05
N ASN A 119 2.61 -17.03 18.19
CA ASN A 119 3.01 -16.66 16.83
C ASN A 119 3.64 -15.28 16.89
N TYR A 120 4.88 -15.16 16.42
CA TYR A 120 5.60 -13.92 16.52
C TYR A 120 5.78 -13.34 15.12
N ASN A 121 5.16 -13.96 14.12
CA ASN A 121 5.39 -13.56 12.73
C ASN A 121 4.60 -12.33 12.33
N TYR A 122 3.45 -12.07 12.94
CA TYR A 122 2.72 -10.85 12.66
C TYR A 122 3.27 -9.69 13.47
N LEU A 123 3.56 -8.61 12.76
CA LEU A 123 4.21 -7.44 13.34
C LEU A 123 3.37 -6.19 13.14
N TYR A 124 3.61 -5.22 14.03
CA TYR A 124 3.10 -3.86 13.81
C TYR A 124 4.20 -2.85 14.12
N ARG A 125 4.11 -1.67 13.50
CA ARG A 125 4.97 -0.53 13.80
C ARG A 125 4.52 0.18 15.09
N LEU A 126 5.41 0.23 16.06
CA LEU A 126 5.12 0.74 17.38
C LEU A 126 5.63 2.18 17.51
N PHE A 127 6.70 2.56 16.79
CA PHE A 127 7.34 3.87 16.94
C PHE A 127 7.47 4.51 15.57
N ARG A 128 7.23 5.83 15.50
CA ARG A 128 7.33 6.55 14.24
C ARG A 128 7.49 8.05 14.54
N LYS A 129 8.18 8.77 13.69
CA LYS A 129 8.44 10.19 13.91
C LYS A 129 7.27 11.09 13.52
N SER A 130 6.36 10.54 12.72
CA SER A 130 5.17 11.22 12.26
C SER A 130 4.06 10.20 11.95
N ASN A 131 2.80 10.66 11.91
CA ASN A 131 1.66 9.80 11.55
C ASN A 131 1.61 9.58 10.04
N LEU A 132 1.12 8.43 9.61
CA LEU A 132 0.96 8.10 8.23
C LEU A 132 0.00 9.08 7.59
N LYS A 133 0.18 9.36 6.31
CA LYS A 133 -0.89 9.92 5.52
C LYS A 133 -1.81 8.78 5.10
N PRO A 134 -3.05 9.06 4.66
CA PRO A 134 -3.91 7.96 4.23
C PRO A 134 -3.27 7.11 3.14
N PHE A 135 -3.34 5.78 3.33
CA PHE A 135 -2.84 4.80 2.39
C PHE A 135 -1.34 4.88 2.20
N GLU A 136 -0.65 5.42 3.18
CA GLU A 136 0.79 5.33 3.16
C GLU A 136 1.20 3.90 3.52
N ARG A 137 2.26 3.40 2.89
CA ARG A 137 2.77 2.08 3.21
C ARG A 137 4.23 2.22 3.56
N ASP A 138 4.56 2.11 4.84
CA ASP A 138 5.93 2.27 5.30
C ASP A 138 6.43 0.93 5.82
N ILE A 139 7.50 0.45 5.18
CA ILE A 139 8.04 -0.87 5.50
C ILE A 139 9.45 -0.74 6.02
N SER A 140 9.88 0.47 6.35
CA SER A 140 11.24 0.66 6.75
C SER A 140 11.44 0.06 8.13
N THR A 141 12.69 -0.09 8.49
CA THR A 141 13.04 -0.71 9.73
C THR A 141 14.18 0.09 10.32
N GLU A 142 14.15 1.40 10.15
CA GLU A 142 15.15 2.24 10.76
C GLU A 142 14.98 2.29 12.28
N ILE A 143 16.09 2.26 12.99
CA ILE A 143 16.09 2.29 14.44
C ILE A 143 15.56 3.63 14.88
N TYR A 144 14.58 3.64 15.81
CA TYR A 144 13.92 4.86 16.27
C TYR A 144 14.62 5.46 17.50
N GLN A 145 14.93 6.76 17.39
CA GLN A 145 15.64 7.46 18.45
C GLN A 145 14.62 8.04 19.42
N ALA A 146 14.50 7.52 20.64
CA ALA A 146 13.47 7.93 21.58
C ALA A 146 14.00 8.89 22.63
N GLY A 147 15.30 9.05 22.65
CA GLY A 147 15.97 9.85 23.67
C GLY A 147 16.90 10.84 22.99
N SER A 148 17.82 11.43 23.76
CA SER A 148 18.68 12.51 23.28
C SER A 148 19.81 11.95 22.40
N THR A 149 20.10 10.66 22.60
CA THR A 149 21.30 10.04 22.06
C THR A 149 21.03 9.38 20.71
N PRO A 150 21.80 9.79 19.66
CA PRO A 150 21.60 9.33 18.28
C PRO A 150 21.93 7.85 18.17
N CYS A 151 21.22 7.11 17.32
CA CYS A 151 21.21 5.64 17.38
C CYS A 151 22.28 5.00 16.50
N ASN A 152 22.70 5.72 15.47
CA ASN A 152 23.57 5.17 14.46
C ASN A 152 23.07 3.79 14.03
N GLY A 153 21.77 3.65 13.76
CA GLY A 153 21.30 2.38 13.21
C GLY A 153 21.54 1.14 14.09
N VAL A 154 21.71 1.29 15.41
CA VAL A 154 21.96 0.14 16.26
C VAL A 154 20.95 0.09 17.42
N GLU A 155 20.30 -1.06 17.70
CA GLU A 155 19.35 -1.19 18.82
C GLU A 155 20.18 -0.86 20.07
N GLY A 156 19.62 -0.12 21.01
CA GLY A 156 20.35 0.25 22.22
C GLY A 156 19.41 0.83 23.28
N PHE A 157 19.99 1.42 24.32
CA PHE A 157 19.20 2.18 25.27
C PHE A 157 18.50 3.36 24.58
N ASN A 158 17.19 3.46 24.73
CA ASN A 158 16.43 4.48 23.99
C ASN A 158 16.58 4.45 22.47
N CYS A 159 17.03 3.34 21.90
CA CYS A 159 17.13 3.26 20.45
C CYS A 159 16.42 1.97 20.02
N TYR A 160 15.23 2.07 19.42
CA TYR A 160 14.32 0.93 19.36
C TYR A 160 14.11 0.46 17.94
N PHE A 161 14.25 -0.85 17.77
CA PHE A 161 13.71 -1.51 16.60
C PHE A 161 12.25 -1.07 16.42
N PRO A 162 11.77 -0.57 15.26
CA PRO A 162 10.45 0.05 15.22
C PRO A 162 9.23 -0.87 15.13
N LEU A 163 9.44 -2.15 14.91
CA LEU A 163 8.35 -3.10 14.77
C LEU A 163 8.36 -4.02 15.98
N GLN A 164 7.16 -4.29 16.48
CA GLN A 164 6.89 -5.20 17.56
C GLN A 164 6.03 -6.35 17.03
N SER A 165 6.32 -7.53 17.57
CA SER A 165 5.57 -8.73 17.23
C SER A 165 4.33 -8.80 18.13
N TYR A 166 3.16 -9.05 17.51
CA TYR A 166 1.95 -9.39 18.25
C TYR A 166 2.09 -10.68 19.07
N GLY A 167 2.79 -11.70 18.62
CA GLY A 167 2.75 -12.88 19.49
C GLY A 167 1.33 -13.31 19.89
N PHE A 168 0.62 -13.91 18.93
CA PHE A 168 -0.73 -14.38 19.13
C PHE A 168 -0.63 -15.75 19.79
N GLN A 169 -1.35 -15.92 20.90
CA GLN A 169 -1.47 -17.22 21.54
C GLN A 169 -2.94 -17.56 21.57
N PRO A 170 -3.25 -18.91 21.42
CA PRO A 170 -4.62 -19.43 21.44
C PRO A 170 -5.54 -19.13 22.65
N THR A 171 -4.85 -18.92 23.81
CA THR A 171 -5.58 -18.70 25.04
C THR A 171 -5.71 -17.20 25.35
N ASN A 172 -5.20 -16.32 24.45
CA ASN A 172 -5.39 -14.88 24.61
C ASN A 172 -7.01 -14.66 24.73
N GLY A 173 -7.33 -13.64 25.55
CA GLY A 173 -8.66 -12.93 25.38
C GLY A 173 -8.82 -12.39 23.93
N VAL A 174 -10.09 -12.31 23.39
CA VAL A 174 -10.40 -12.00 21.99
C VAL A 174 -9.84 -10.64 21.59
N GLY A 175 -9.61 -9.73 22.55
CA GLY A 175 -9.04 -8.42 22.34
C GLY A 175 -7.65 -8.53 21.75
N TYR A 176 -7.03 -9.65 22.20
CA TYR A 176 -5.58 -9.90 22.02
C TYR A 176 -5.29 -11.24 21.11
N GLN A 177 -6.47 -11.63 20.56
CA GLN A 177 -6.57 -12.60 19.38
C GLN A 177 -6.46 -11.90 18.01
N PRO A 178 -5.92 -12.64 17.01
CA PRO A 178 -5.73 -12.09 15.67
C PRO A 178 -7.05 -11.97 14.93
N TYR A 179 -7.19 -10.85 14.20
CA TYR A 179 -8.25 -10.67 13.25
C TYR A 179 -7.62 -10.41 11.89
N ARG A 180 -8.18 -11.12 10.87
CA ARG A 180 -8.00 -10.78 9.48
C ARG A 180 -8.98 -9.69 9.07
N VAL A 181 -8.43 -8.81 8.27
CA VAL A 181 -9.08 -7.63 7.79
C VAL A 181 -8.91 -7.53 6.29
N VAL A 182 -9.99 -7.07 5.67
CA VAL A 182 -9.96 -6.79 4.26
C VAL A 182 -10.72 -5.49 4.07
N VAL A 183 -10.01 -4.51 3.51
CA VAL A 183 -10.64 -3.25 3.23
C VAL A 183 -10.90 -3.16 1.72
N LEU A 184 -12.14 -2.98 1.33
CA LEU A 184 -12.55 -2.81 -0.06
C LEU A 184 -12.89 -1.33 -0.32
N SER A 185 -12.06 -0.71 -1.15
CA SER A 185 -12.28 0.64 -1.59
C SER A 185 -13.02 0.56 -2.93
N PHE A 186 -14.12 1.34 -3.06
CA PHE A 186 -14.87 1.39 -4.30
C PHE A 186 -14.63 2.69 -5.04
N GLU A 187 -13.88 2.63 -6.11
CA GLU A 187 -13.49 3.86 -6.81
C GLU A 187 -14.40 4.15 -7.98
N LEU A 188 -14.73 5.44 -8.07
CA LEU A 188 -15.48 6.03 -9.16
C LEU A 188 -14.66 7.15 -9.80
N LEU A 189 -14.22 6.99 -11.03
CA LEU A 189 -13.57 8.02 -11.83
C LEU A 189 -14.36 8.23 -13.08
N HIS A 190 -14.09 9.36 -13.75
CA HIS A 190 -14.76 9.63 -14.97
C HIS A 190 -14.12 8.75 -16.02
N ALA A 191 -14.48 7.47 -16.07
CA ALA A 191 -13.87 6.53 -17.00
C ALA A 191 -14.80 5.30 -17.08
N PRO A 192 -14.70 4.40 -18.08
CA PRO A 192 -15.66 3.29 -18.19
C PRO A 192 -15.62 2.43 -16.92
N ALA A 193 -16.78 2.05 -16.37
CA ALA A 193 -16.89 1.16 -15.22
C ALA A 193 -16.28 -0.19 -15.56
N THR A 194 -15.66 -0.90 -14.63
CA THR A 194 -15.14 -2.22 -14.95
C THR A 194 -15.55 -3.29 -13.95
N VAL A 195 -16.15 -2.89 -12.84
CA VAL A 195 -16.56 -3.84 -11.81
C VAL A 195 -18.03 -3.62 -11.51
N CYS A 196 -18.86 -4.57 -11.92
CA CYS A 196 -20.30 -4.47 -11.78
C CYS A 196 -20.82 -5.65 -10.98
N GLY A 197 -22.06 -5.49 -10.49
CA GLY A 197 -22.80 -6.50 -9.78
C GLY A 197 -23.45 -7.44 -10.79
N PRO A 198 -24.08 -8.53 -10.33
CA PRO A 198 -24.74 -9.46 -11.26
C PRO A 198 -25.88 -8.82 -12.03
N LYS A 199 -26.38 -7.68 -11.52
CA LYS A 199 -27.44 -6.87 -12.12
C LYS A 199 -28.50 -6.61 -11.02
N GLN B 2 -2.49 12.58 -24.71
CA GLN B 2 -2.16 13.96 -24.29
C GLN B 2 -1.16 13.91 -23.13
N VAL B 3 -1.38 13.08 -22.10
CA VAL B 3 -0.50 13.16 -20.94
C VAL B 3 0.90 12.73 -21.38
N GLN B 4 1.94 13.49 -21.04
CA GLN B 4 3.30 13.08 -21.38
C GLN B 4 4.11 13.14 -20.11
N LEU B 5 4.99 12.16 -19.94
CA LEU B 5 5.78 12.02 -18.72
C LEU B 5 7.24 12.20 -19.07
N VAL B 6 7.98 12.96 -18.26
CA VAL B 6 9.39 13.18 -18.52
C VAL B 6 10.17 12.75 -17.28
N GLU B 7 11.12 11.82 -17.45
CA GLU B 7 12.09 11.51 -16.42
C GLU B 7 13.32 12.41 -16.56
N SER B 8 13.87 12.83 -15.43
CA SER B 8 15.02 13.70 -15.40
C SER B 8 15.96 13.16 -14.33
N GLY B 9 17.29 13.13 -14.57
CA GLY B 9 18.27 12.75 -13.55
C GLY B 9 19.01 11.45 -13.89
N GLY B 10 18.69 10.78 -14.99
CA GLY B 10 19.41 9.54 -15.29
C GLY B 10 20.89 9.70 -15.70
N GLY B 11 21.47 8.59 -16.21
CA GLY B 11 22.84 8.57 -16.72
C GLY B 11 23.84 7.85 -15.83
N LEU B 12 25.06 8.28 -15.99
CA LEU B 12 26.26 7.67 -15.48
C LEU B 12 26.49 8.14 -14.06
N VAL B 13 26.47 7.22 -13.10
CA VAL B 13 26.75 7.63 -11.73
C VAL B 13 27.77 6.70 -11.09
N GLN B 14 28.45 7.22 -10.07
CA GLN B 14 29.46 6.43 -9.38
C GLN B 14 28.86 5.66 -8.19
N PRO B 15 29.40 4.47 -7.81
CA PRO B 15 28.82 3.73 -6.68
C PRO B 15 28.98 4.54 -5.40
N GLY B 16 28.01 4.40 -4.47
CA GLY B 16 28.12 5.03 -3.17
C GLY B 16 27.35 6.35 -3.03
N GLY B 17 27.22 7.11 -4.13
CA GLY B 17 26.52 8.37 -4.08
C GLY B 17 25.01 8.13 -4.12
N SER B 18 24.24 9.21 -4.13
CA SER B 18 22.80 9.06 -4.23
C SER B 18 22.32 9.57 -5.57
N LEU B 19 21.19 9.05 -5.98
CA LEU B 19 20.60 9.41 -7.25
C LEU B 19 19.24 10.05 -6.96
N ARG B 20 18.96 11.15 -7.66
CA ARG B 20 17.68 11.83 -7.63
C ARG B 20 17.07 11.85 -9.03
N LEU B 21 16.03 11.06 -9.25
CA LEU B 21 15.26 11.13 -10.47
C LEU B 21 13.97 11.91 -10.20
N SER B 22 13.53 12.69 -11.17
CA SER B 22 12.27 13.43 -11.08
C SER B 22 11.35 13.01 -12.21
N CYS B 23 10.08 13.03 -11.93
CA CYS B 23 9.05 12.77 -12.91
C CYS B 23 8.19 14.01 -13.06
N ALA B 24 8.17 14.57 -14.27
CA ALA B 24 7.32 15.70 -14.60
C ALA B 24 6.16 15.24 -15.49
N VAL B 25 4.95 15.67 -15.15
CA VAL B 25 3.74 15.25 -15.81
C VAL B 25 3.18 16.45 -16.56
N PHE B 26 3.08 16.36 -17.89
CA PHE B 26 2.49 17.37 -18.74
C PHE B 26 1.18 16.87 -19.34
N GLY B 27 0.21 17.82 -19.47
CA GLY B 27 -1.10 17.63 -20.10
C GLY B 27 -2.07 16.71 -19.33
N SER B 28 -1.91 16.51 -18.01
CA SER B 28 -2.88 15.70 -17.30
C SER B 28 -4.25 16.36 -17.38
N THR B 29 -5.27 15.51 -17.60
CA THR B 29 -6.63 15.97 -17.67
C THR B 29 -7.16 16.16 -16.25
N LEU B 30 -6.61 15.43 -15.26
CA LEU B 30 -7.01 15.60 -13.86
C LEU B 30 -5.78 15.77 -12.97
N ASP B 31 -5.97 16.43 -11.83
CA ASP B 31 -4.96 16.51 -10.77
C ASP B 31 -4.92 15.28 -9.81
N ASN B 32 -6.03 14.55 -9.70
CA ASN B 32 -6.19 13.36 -8.86
C ASN B 32 -5.62 12.15 -9.60
N TYR B 33 -4.31 11.92 -9.41
CA TYR B 33 -3.62 10.79 -9.98
C TYR B 33 -2.47 10.39 -9.09
N SER B 34 -1.88 9.27 -9.45
CA SER B 34 -0.81 8.70 -8.66
C SER B 34 0.34 8.35 -9.59
N VAL B 35 1.53 8.53 -9.04
CA VAL B 35 2.78 8.48 -9.80
C VAL B 35 3.60 7.31 -9.27
N GLY B 36 3.88 6.34 -10.14
CA GLY B 36 4.76 5.21 -9.81
C GLY B 36 6.15 5.28 -10.44
N TRP B 37 7.13 4.70 -9.72
CA TRP B 37 8.49 4.53 -10.18
C TRP B 37 8.80 3.06 -10.31
N PHE B 38 9.35 2.70 -11.48
CA PHE B 38 9.74 1.33 -11.84
C PHE B 38 11.18 1.27 -12.29
N ARG B 39 11.77 0.09 -12.15
CA ARG B 39 13.05 -0.13 -12.78
C ARG B 39 12.97 -1.42 -13.57
N GLN B 40 13.84 -1.52 -14.59
CA GLN B 40 14.00 -2.73 -15.40
C GLN B 40 15.48 -3.03 -15.51
N LEU B 41 15.89 -4.05 -14.76
CA LEU B 41 17.25 -4.56 -14.78
C LEU B 41 17.45 -5.36 -16.06
N PRO B 42 18.72 -5.45 -16.52
CA PRO B 42 19.05 -6.22 -17.71
C PRO B 42 18.64 -7.68 -17.57
N GLY B 43 17.89 -8.17 -18.57
CA GLY B 43 17.37 -9.51 -18.60
C GLY B 43 16.24 -9.81 -17.61
N LYS B 44 15.64 -8.82 -16.92
CA LYS B 44 14.46 -9.07 -16.10
C LYS B 44 13.26 -8.23 -16.55
N GLU B 45 12.10 -8.55 -15.95
CA GLU B 45 10.86 -7.79 -15.98
C GLU B 45 11.01 -6.47 -15.26
N ARG B 46 10.24 -5.47 -15.69
CA ARG B 46 9.98 -4.24 -14.96
C ARG B 46 9.52 -4.54 -13.55
N GLU B 47 10.02 -3.82 -12.56
CA GLU B 47 9.46 -4.05 -11.25
C GLU B 47 9.18 -2.69 -10.64
N GLY B 48 8.07 -2.62 -9.89
CA GLY B 48 7.68 -1.40 -9.21
C GLY B 48 8.51 -1.26 -7.94
N LEU B 49 8.90 -0.01 -7.63
CA LEU B 49 9.68 0.38 -6.49
C LEU B 49 8.79 1.13 -5.49
N ALA B 50 8.06 2.14 -5.97
CA ALA B 50 7.35 3.09 -5.13
C ALA B 50 6.35 3.90 -5.95
N CYS B 51 5.32 4.40 -5.27
CA CYS B 51 4.18 5.12 -5.82
C CYS B 51 3.80 6.21 -4.82
N PHE B 52 3.36 7.32 -5.39
CA PHE B 52 2.96 8.49 -4.61
C PHE B 52 1.53 8.92 -4.98
N SER B 53 0.61 8.95 -4.00
CA SER B 53 -0.77 9.37 -4.20
C SER B 53 -0.84 10.88 -4.00
N ARG B 54 -1.09 11.64 -5.07
CA ARG B 54 -1.08 13.09 -4.96
C ARG B 54 -2.19 13.64 -4.09
N ARG B 55 -3.34 13.02 -4.14
CA ARG B 55 -4.43 13.49 -3.31
C ARG B 55 -4.13 13.39 -1.81
N TYR B 56 -3.56 12.26 -1.38
CA TYR B 56 -3.34 11.99 0.04
C TYR B 56 -1.92 12.32 0.44
N GLY B 57 -1.07 12.71 -0.51
CA GLY B 57 0.32 13.08 -0.19
C GLY B 57 1.01 11.83 0.35
N ALA B 58 0.71 10.63 -0.18
CA ALA B 58 1.07 9.41 0.53
C ALA B 58 2.05 8.57 -0.29
N PRO B 59 3.24 8.28 0.25
CA PRO B 59 4.18 7.34 -0.32
C PRO B 59 3.70 5.91 -0.09
N TYR B 60 3.93 5.05 -1.08
CA TYR B 60 3.63 3.64 -1.03
C TYR B 60 4.84 2.86 -1.52
N TYR B 61 5.54 2.13 -0.67
CA TYR B 61 6.75 1.40 -1.04
C TYR B 61 6.43 -0.07 -1.30
N ALA B 62 6.96 -0.59 -2.41
CA ALA B 62 7.01 -2.04 -2.67
C ALA B 62 8.06 -2.70 -1.78
N ASP B 63 7.95 -4.02 -1.64
CA ASP B 63 8.84 -4.77 -0.74
C ASP B 63 10.29 -4.58 -1.20
N SER B 64 10.52 -4.47 -2.50
CA SER B 64 11.84 -4.33 -3.05
C SER B 64 12.53 -2.99 -2.78
N ALA B 65 11.80 -1.98 -2.30
CA ALA B 65 12.38 -0.65 -2.14
C ALA B 65 12.75 -0.37 -0.67
N LYS B 66 12.71 -1.41 0.18
CA LYS B 66 12.92 -1.27 1.61
C LYS B 66 14.28 -0.61 1.92
N ASP B 67 14.23 0.48 2.66
CA ASP B 67 15.39 1.10 3.27
C ASP B 67 16.42 1.72 2.29
N ARG B 68 16.20 1.91 0.99
CA ARG B 68 17.16 2.66 0.20
C ARG B 68 16.50 3.78 -0.63
N PHE B 69 15.24 3.58 -0.99
CA PHE B 69 14.50 4.47 -1.84
C PHE B 69 13.54 5.35 -1.05
N THR B 70 13.47 6.63 -1.44
CA THR B 70 12.44 7.54 -0.96
C THR B 70 11.72 8.13 -2.15
N ILE B 71 10.42 8.20 -2.06
CA ILE B 71 9.59 8.85 -3.06
C ILE B 71 8.91 9.98 -2.33
N SER B 72 8.81 11.11 -3.02
CA SER B 72 8.31 12.35 -2.47
C SER B 72 7.89 13.24 -3.64
N ARG B 73 7.24 14.33 -3.26
CA ARG B 73 6.81 15.34 -4.19
C ARG B 73 7.50 16.63 -3.85
N ASP B 74 8.05 17.29 -4.86
CA ASP B 74 8.54 18.64 -4.69
C ASP B 74 7.45 19.59 -5.20
N ASN B 75 6.78 20.33 -4.31
CA ASN B 75 5.69 21.19 -4.74
C ASN B 75 6.20 22.41 -5.48
N ALA B 76 7.49 22.74 -5.35
CA ALA B 76 8.08 23.84 -6.13
C ALA B 76 8.28 23.40 -7.58
N LYS B 77 9.06 22.32 -7.83
CA LYS B 77 9.29 21.79 -9.17
C LYS B 77 8.01 21.10 -9.68
N ASN B 78 7.03 20.81 -8.82
CA ASN B 78 5.87 19.97 -9.17
C ASN B 78 6.28 18.63 -9.83
N THR B 79 7.19 17.90 -9.21
CA THR B 79 7.64 16.63 -9.71
C THR B 79 7.46 15.66 -8.58
N VAL B 80 7.36 14.38 -8.95
CA VAL B 80 7.46 13.29 -8.02
C VAL B 80 8.84 12.67 -8.16
N ASP B 81 9.58 12.71 -7.05
CA ASP B 81 11.00 12.43 -7.09
C ASP B 81 11.26 11.09 -6.44
N LEU B 82 12.23 10.36 -6.98
CA LEU B 82 12.73 9.14 -6.40
C LEU B 82 14.18 9.37 -6.10
N GLN B 83 14.51 9.12 -4.82
CA GLN B 83 15.84 9.21 -4.29
C GLN B 83 16.33 7.81 -3.95
N LEU B 84 17.45 7.41 -4.58
CA LEU B 84 18.18 6.17 -4.28
C LEU B 84 19.53 6.51 -3.64
N ASN B 85 19.77 5.93 -2.48
CA ASN B 85 20.75 6.49 -1.57
C ASN B 85 22.15 5.90 -1.67
N GLY B 86 22.23 4.62 -1.92
CA GLY B 86 23.54 4.03 -1.87
C GLY B 86 23.77 3.24 -3.15
N LEU B 87 24.24 3.97 -4.16
CA LEU B 87 24.31 3.41 -5.50
C LEU B 87 25.33 2.29 -5.50
N LYS B 88 24.88 1.14 -6.02
CA LYS B 88 25.71 -0.01 -6.31
C LYS B 88 25.64 -0.31 -7.80
N PRO B 89 26.61 -1.05 -8.37
CA PRO B 89 26.57 -1.40 -9.79
C PRO B 89 25.29 -2.14 -10.12
N GLU B 90 24.77 -2.90 -9.14
CA GLU B 90 23.57 -3.68 -9.39
C GLU B 90 22.37 -2.74 -9.54
N ASP B 91 22.55 -1.43 -9.32
CA ASP B 91 21.42 -0.51 -9.50
C ASP B 91 21.25 -0.11 -10.97
N THR B 92 22.08 -0.64 -11.86
CA THR B 92 22.12 -0.26 -13.27
C THR B 92 20.89 -0.79 -13.98
N ALA B 93 20.10 0.08 -14.60
CA ALA B 93 18.82 -0.33 -15.13
C ALA B 93 18.20 0.87 -15.83
N VAL B 94 17.11 0.61 -16.52
CA VAL B 94 16.21 1.63 -16.98
C VAL B 94 15.18 1.94 -15.88
N TYR B 95 15.06 3.23 -15.51
CA TYR B 95 14.09 3.63 -14.54
C TYR B 95 12.97 4.31 -15.28
N TYR B 96 11.72 3.90 -15.03
CA TYR B 96 10.57 4.61 -15.56
C TYR B 96 9.66 5.21 -14.50
N CYS B 97 9.03 6.30 -14.88
CA CYS B 97 7.91 6.77 -14.13
C CYS B 97 6.62 6.60 -14.95
N ALA B 98 5.51 6.42 -14.22
CA ALA B 98 4.21 6.02 -14.77
C ALA B 98 3.16 6.75 -13.95
N THR B 99 1.98 6.95 -14.57
CA THR B 99 0.84 7.49 -13.86
C THR B 99 -0.37 6.64 -14.04
N ARG B 100 -1.23 6.75 -13.00
CA ARG B 100 -2.57 6.21 -13.13
C ARG B 100 -3.49 7.24 -12.51
N SER B 101 -4.75 7.22 -12.95
CA SER B 101 -5.80 8.08 -12.40
C SER B 101 -6.22 7.63 -11.01
N GLY B 102 -6.57 8.63 -10.22
CA GLY B 102 -7.12 8.46 -8.91
C GLY B 102 -5.98 8.35 -7.88
N PRO B 103 -6.35 8.18 -6.60
CA PRO B 103 -5.39 8.24 -5.50
C PRO B 103 -4.85 6.97 -4.94
N TYR B 104 -5.13 5.86 -5.63
CA TYR B 104 -4.78 4.53 -5.14
C TYR B 104 -3.46 4.14 -5.79
N CYS B 105 -2.40 4.08 -4.99
CA CYS B 105 -1.12 3.58 -5.42
C CYS B 105 -1.12 2.05 -5.50
N THR B 106 -0.30 1.55 -6.42
CA THR B 106 0.19 0.19 -6.41
C THR B 106 1.56 0.21 -7.04
N THR B 107 2.31 -0.89 -6.96
CA THR B 107 3.62 -0.94 -7.59
C THR B 107 3.60 -2.06 -8.64
N SER B 108 2.42 -2.37 -9.14
CA SER B 108 2.21 -3.37 -10.16
C SER B 108 2.17 -2.75 -11.57
N VAL B 109 3.01 -3.24 -12.47
CA VAL B 109 3.21 -2.71 -13.81
C VAL B 109 1.87 -2.54 -14.54
N SER B 110 1.01 -3.53 -14.45
CA SER B 110 -0.20 -3.49 -15.26
C SER B 110 -1.30 -2.58 -14.69
N ASP B 111 -1.09 -1.91 -13.56
CA ASP B 111 -2.06 -0.97 -13.06
C ASP B 111 -1.81 0.44 -13.60
N PHE B 112 -0.71 0.69 -14.31
CA PHE B 112 -0.45 2.01 -14.87
C PHE B 112 -0.61 2.04 -16.39
N ASP B 113 -1.20 3.12 -16.92
CA ASP B 113 -1.42 3.23 -18.35
C ASP B 113 -0.55 4.30 -19.04
N ASP B 114 -0.01 5.29 -18.35
CA ASP B 114 0.89 6.18 -19.05
C ASP B 114 2.31 6.02 -18.50
N TRP B 115 3.28 5.93 -19.39
CA TRP B 115 4.66 5.68 -19.03
C TRP B 115 5.54 6.76 -19.60
N GLY B 116 6.67 7.02 -18.94
CA GLY B 116 7.73 7.73 -19.63
C GLY B 116 8.53 6.78 -20.53
N ARG B 117 9.48 7.37 -21.24
CA ARG B 117 10.30 6.65 -22.16
C ARG B 117 11.28 5.79 -21.38
N GLY B 118 11.53 6.12 -20.10
CA GLY B 118 12.51 5.41 -19.31
C GLY B 118 13.86 6.10 -19.39
N THR B 119 14.64 6.01 -18.32
CA THR B 119 15.96 6.60 -18.38
C THR B 119 17.00 5.59 -17.87
N GLN B 120 18.08 5.47 -18.67
CA GLN B 120 19.21 4.60 -18.38
C GLN B 120 19.95 5.22 -17.20
N VAL B 121 20.11 4.41 -16.13
CA VAL B 121 21.05 4.67 -15.05
C VAL B 121 22.09 3.55 -15.06
N THR B 122 23.35 4.01 -15.14
CA THR B 122 24.50 3.12 -15.17
C THR B 122 25.45 3.52 -14.05
N VAL B 123 25.67 2.57 -13.13
CA VAL B 123 26.61 2.73 -12.03
C VAL B 123 27.97 2.13 -12.41
N SER B 124 28.91 3.03 -12.70
CA SER B 124 30.32 2.80 -12.57
C SER B 124 30.62 1.76 -11.48
#